data_7DJM
#
_entry.id   7DJM
#
_cell.length_a   55.000
_cell.length_b   78.750
_cell.length_c   103.010
_cell.angle_alpha   90.000
_cell.angle_beta   90.000
_cell.angle_gamma   90.000
#
_symmetry.space_group_name_H-M   'P 21 21 21'
#
loop_
_entity.id
_entity.type
_entity.pdbx_description
1 polymer 'Protein SUPPRESSOR OF QUENCHING 1, chloroplastic'
2 non-polymer 'ACETATE ION'
3 non-polymer 2,3-DIHYDROXY-1,4-DITHIOBUTANE
4 non-polymer 'SODIUM ION'
5 water water
#
_entity_poly.entity_id   1
_entity_poly.type   'polypeptide(L)'
_entity_poly.pdbx_seq_one_letter_code
;MGRLATSPLKFPGKLAIDTLNNRLFISDSNHNRIIVTDLEGNFIVQIGSSGEEGFQDGSFEDAAFNRPQGLAYNAKKNLL
YVADTENHALREIDFVNERVQTLAGNGTKGSDYQGGRKGTKQLLNSPWDVCFEPVNEKVYIAMAGQHQIWEYSVLDGITR
VFSGNGYERNLNGSTPQTTSFAQPSGISLGPDLKEAYIADSESSSIRALDLQTGGSRLLAGGDPYFSENLFKFGDNDGVG
AEVLLQHPLGVLCANDGQIYLTDSYNHKIKKLDPVTKRVVTLAGTGKAGFKDGKVKGAQLSEPAGLAITENGRLFVADTN
NSLIRYIDLNKGEDSEILTLELKGVQPPTPKAKSLKRLRKRASADTKIVKVDSVTSREGDLNLKISLPDGYHFSKEARSK
FVVDVEPENAVAIDPTEGTLSPEGSTMLHFIQSSTSASVGKISCKVYYCKEDEVCLYQSVQFEVPFKVESELSASPTITF
TVTPRAPDAGGLQLQGTR
;
_entity_poly.pdbx_strand_id   A
#
loop_
_chem_comp.id
_chem_comp.type
_chem_comp.name
_chem_comp.formula
ACT non-polymer 'ACETATE ION' 'C2 H3 O2 -1'
DTT non-polymer 2,3-DIHYDROXY-1,4-DITHIOBUTANE 'C4 H10 O2 S2'
NA non-polymer 'SODIUM ION' 'Na 1'
#
# COMPACT_ATOMS: atom_id res chain seq x y z
N GLY A 2 -11.16 15.05 -23.50
CA GLY A 2 -10.54 13.77 -23.71
C GLY A 2 -10.65 12.87 -22.49
N ARG A 3 -10.07 11.69 -22.57
CA ARG A 3 -10.16 10.72 -21.48
C ARG A 3 -9.58 11.26 -20.18
N LEU A 4 -8.55 12.10 -20.27
CA LEU A 4 -7.89 12.59 -19.04
C LEU A 4 -8.83 13.45 -18.22
N ALA A 5 -9.59 14.33 -18.90
CA ALA A 5 -10.46 15.30 -18.25
C ALA A 5 -11.73 14.69 -17.67
N THR A 6 -12.11 13.50 -18.11
CA THR A 6 -13.36 12.90 -17.68
C THR A 6 -13.16 11.74 -16.70
N SER A 7 -11.94 11.45 -16.30
CA SER A 7 -11.72 10.28 -15.48
C SER A 7 -12.26 10.48 -14.06
N PRO A 8 -13.01 9.52 -13.53
CA PRO A 8 -13.45 9.58 -12.13
C PRO A 8 -12.47 8.97 -11.14
N LEU A 9 -11.28 8.59 -11.60
CA LEU A 9 -10.23 8.03 -10.76
C LEU A 9 -9.26 9.13 -10.36
N LYS A 10 -8.44 8.82 -9.35
CA LYS A 10 -7.37 9.74 -8.94
C LYS A 10 -6.17 8.89 -8.52
N PHE A 11 -5.17 8.82 -9.40
CA PHE A 11 -3.94 8.08 -9.13
C PHE A 11 -4.18 6.61 -8.73
N PRO A 12 -4.95 5.86 -9.53
CA PRO A 12 -5.12 4.44 -9.24
C PRO A 12 -3.79 3.71 -9.31
N GLY A 13 -3.48 2.95 -8.26
CA GLY A 13 -2.15 2.38 -8.18
C GLY A 13 -2.06 0.92 -8.60
N LYS A 14 -3.13 0.16 -8.40
CA LYS A 14 -3.06 -1.30 -8.46
C LYS A 14 -4.38 -1.89 -8.95
N LEU A 15 -4.30 -3.13 -9.44
CA LEU A 15 -5.43 -3.84 -10.03
C LEU A 15 -5.42 -5.30 -9.61
N ALA A 16 -6.60 -5.90 -9.59
CA ALA A 16 -6.72 -7.34 -9.51
C ALA A 16 -7.85 -7.76 -10.45
N ILE A 17 -7.92 -9.05 -10.78
CA ILE A 17 -8.95 -9.53 -11.69
C ILE A 17 -9.51 -10.86 -11.20
N ASP A 18 -10.80 -11.02 -11.40
CA ASP A 18 -11.51 -12.28 -11.16
C ASP A 18 -11.87 -12.79 -12.55
N THR A 19 -11.10 -13.74 -13.06
CA THR A 19 -11.33 -14.17 -14.43
C THR A 19 -12.52 -15.12 -14.56
N LEU A 20 -12.97 -15.72 -13.47
CA LEU A 20 -14.15 -16.59 -13.53
C LEU A 20 -15.43 -15.77 -13.75
N ASN A 21 -15.63 -14.72 -12.95
CA ASN A 21 -16.82 -13.89 -13.01
C ASN A 21 -16.61 -12.60 -13.80
N ASN A 22 -15.46 -12.43 -14.46
CA ASN A 22 -15.18 -11.29 -15.33
C ASN A 22 -15.35 -9.97 -14.59
N ARG A 23 -14.58 -9.82 -13.52
CA ARG A 23 -14.55 -8.61 -12.72
C ARG A 23 -13.13 -8.06 -12.64
N LEU A 24 -13.03 -6.72 -12.74
CA LEU A 24 -11.80 -5.96 -12.56
C LEU A 24 -11.93 -5.20 -11.25
N PHE A 25 -10.91 -5.31 -10.39
CA PHE A 25 -10.85 -4.60 -9.13
C PHE A 25 -9.83 -3.49 -9.26
N ILE A 26 -10.26 -2.24 -9.03
CA ILE A 26 -9.40 -1.06 -9.17
C ILE A 26 -9.16 -0.44 -7.79
N SER A 27 -7.91 -0.27 -7.44
CA SER A 27 -7.54 0.48 -6.24
C SER A 27 -7.47 1.95 -6.64
N ASP A 28 -8.55 2.70 -6.35
CA ASP A 28 -8.62 4.12 -6.72
C ASP A 28 -7.96 4.91 -5.60
N SER A 29 -6.63 4.87 -5.60
CA SER A 29 -5.85 5.06 -4.37
C SER A 29 -6.13 6.41 -3.71
N ASN A 30 -6.03 7.50 -4.48
CA ASN A 30 -6.17 8.81 -3.85
C ASN A 30 -7.62 9.20 -3.63
N HIS A 31 -8.57 8.36 -4.05
CA HIS A 31 -9.96 8.47 -3.65
C HIS A 31 -10.31 7.51 -2.52
N ASN A 32 -9.33 6.80 -1.98
CA ASN A 32 -9.54 5.99 -0.78
C ASN A 32 -10.65 4.96 -0.98
N ARG A 33 -10.71 4.35 -2.17
CA ARG A 33 -11.81 3.43 -2.43
C ARG A 33 -11.37 2.35 -3.41
N ILE A 34 -12.11 1.24 -3.39
CA ILE A 34 -11.96 0.16 -4.35
C ILE A 34 -13.17 0.17 -5.26
N ILE A 35 -12.96 0.14 -6.58
N ILE A 35 -12.95 0.12 -6.57
CA ILE A 35 -14.04 0.11 -7.56
CA ILE A 35 -14.00 0.10 -7.59
C ILE A 35 -14.01 -1.25 -8.26
C ILE A 35 -14.00 -1.26 -8.24
N VAL A 36 -15.19 -1.85 -8.41
CA VAL A 36 -15.34 -3.12 -9.10
C VAL A 36 -16.10 -2.85 -10.39
N THR A 37 -15.53 -3.24 -11.53
CA THR A 37 -16.20 -3.13 -12.83
C THR A 37 -16.17 -4.49 -13.49
N ASP A 38 -16.92 -4.62 -14.59
CA ASP A 38 -16.69 -5.78 -15.46
C ASP A 38 -15.45 -5.51 -16.31
N LEU A 39 -15.11 -6.45 -17.21
CA LEU A 39 -13.87 -6.27 -17.98
C LEU A 39 -14.02 -5.28 -19.12
N GLU A 40 -15.20 -4.73 -19.32
CA GLU A 40 -15.40 -3.64 -20.27
C GLU A 40 -15.50 -2.30 -19.58
N GLY A 41 -15.32 -2.24 -18.27
CA GLY A 41 -15.37 -0.98 -17.56
C GLY A 41 -16.71 -0.58 -17.02
N ASN A 42 -17.71 -1.48 -17.05
CA ASN A 42 -19.03 -1.16 -16.51
C ASN A 42 -19.04 -1.30 -15.00
N PHE A 43 -19.46 -0.25 -14.32
CA PHE A 43 -19.52 -0.25 -12.86
C PHE A 43 -20.38 -1.38 -12.31
N ILE A 44 -19.87 -2.04 -11.26
CA ILE A 44 -20.64 -3.03 -10.51
C ILE A 44 -20.90 -2.55 -9.09
N VAL A 45 -19.85 -2.20 -8.35
CA VAL A 45 -19.97 -1.83 -6.94
C VAL A 45 -18.69 -1.12 -6.53
N GLN A 46 -18.80 -0.25 -5.53
CA GLN A 46 -17.63 0.35 -4.94
C GLN A 46 -17.66 0.21 -3.43
N ILE A 47 -16.47 0.29 -2.85
CA ILE A 47 -16.28 0.22 -1.42
C ILE A 47 -15.47 1.45 -1.05
N GLY A 48 -16.10 2.39 -0.33
CA GLY A 48 -15.51 3.70 -0.09
C GLY A 48 -16.07 4.84 -0.92
N SER A 49 -17.40 4.88 -1.13
CA SER A 49 -17.98 5.80 -2.09
C SER A 49 -17.83 7.28 -1.70
N SER A 50 -17.64 7.57 -0.40
CA SER A 50 -17.45 8.94 0.02
C SER A 50 -16.10 9.51 -0.40
N GLY A 51 -15.13 8.65 -0.70
CA GLY A 51 -13.79 9.10 -1.01
C GLY A 51 -13.00 9.64 0.16
N GLU A 52 -13.53 9.58 1.38
CA GLU A 52 -12.86 10.17 2.54
C GLU A 52 -11.80 9.22 3.08
N GLU A 53 -10.63 9.75 3.45
CA GLU A 53 -9.66 8.93 4.14
C GLU A 53 -10.24 8.48 5.48
N GLY A 54 -9.99 7.22 5.82
CA GLY A 54 -10.40 6.73 7.12
C GLY A 54 -9.93 5.30 7.30
N PHE A 55 -10.32 4.74 8.45
CA PHE A 55 -9.94 3.38 8.83
C PHE A 55 -11.17 2.83 9.55
N GLN A 56 -12.05 2.19 8.78
CA GLN A 56 -13.36 1.75 9.27
C GLN A 56 -13.70 0.41 8.65
N ASP A 57 -14.05 -0.57 9.49
CA ASP A 57 -14.61 -1.83 9.00
C ASP A 57 -16.13 -1.70 8.86
N GLY A 58 -16.75 -2.72 8.28
CA GLY A 58 -18.19 -2.77 8.21
C GLY A 58 -18.75 -2.88 6.81
N SER A 59 -20.01 -2.49 6.64
CA SER A 59 -20.65 -2.57 5.35
C SER A 59 -19.90 -1.75 4.30
N PHE A 60 -20.23 -2.00 3.03
CA PHE A 60 -19.63 -1.22 1.96
C PHE A 60 -19.96 0.26 2.11
N GLU A 61 -21.08 0.56 2.76
CA GLU A 61 -21.45 1.95 2.97
C GLU A 61 -20.59 2.61 4.05
N ASP A 62 -20.18 1.86 5.07
CA ASP A 62 -19.45 2.43 6.19
C ASP A 62 -17.94 2.31 6.07
N ALA A 63 -17.43 1.41 5.23
CA ALA A 63 -16.01 1.12 5.24
C ALA A 63 -15.21 2.34 4.79
N ALA A 64 -13.97 2.42 5.28
CA ALA A 64 -13.04 3.45 4.85
C ALA A 64 -11.63 2.92 4.77
N PHE A 65 -10.90 3.41 3.78
CA PHE A 65 -9.52 3.11 3.47
C PHE A 65 -8.71 4.39 3.47
N ASN A 66 -7.39 4.26 3.39
CA ASN A 66 -6.48 5.42 3.42
C ASN A 66 -5.37 5.17 2.41
N ARG A 67 -5.56 5.69 1.19
CA ARG A 67 -4.61 5.54 0.09
CA ARG A 67 -4.62 5.53 0.09
C ARG A 67 -4.22 4.08 -0.17
N PRO A 68 -5.20 3.19 -0.34
CA PRO A 68 -4.91 1.77 -0.56
C PRO A 68 -4.14 1.56 -1.86
N GLN A 69 -3.34 0.49 -1.86
CA GLN A 69 -2.57 0.09 -3.03
C GLN A 69 -2.81 -1.31 -3.60
N GLY A 70 -2.14 -2.34 -3.10
CA GLY A 70 -2.26 -3.66 -3.71
C GLY A 70 -3.55 -4.39 -3.41
N LEU A 71 -3.96 -5.22 -4.39
CA LEU A 71 -5.14 -6.05 -4.29
C LEU A 71 -4.84 -7.48 -4.71
N ALA A 72 -5.52 -8.44 -4.05
CA ALA A 72 -5.38 -9.83 -4.44
C ALA A 72 -6.71 -10.53 -4.22
N TYR A 73 -7.14 -11.29 -5.22
CA TYR A 73 -8.43 -11.96 -5.21
C TYR A 73 -8.35 -13.41 -4.76
N ASN A 74 -9.21 -13.79 -3.83
CA ASN A 74 -9.32 -15.17 -3.34
C ASN A 74 -10.53 -15.78 -4.04
N ALA A 75 -10.27 -16.58 -5.07
CA ALA A 75 -11.33 -17.18 -5.89
C ALA A 75 -12.19 -18.17 -5.10
N LYS A 76 -11.57 -18.92 -4.18
CA LYS A 76 -12.32 -19.92 -3.42
C LYS A 76 -13.41 -19.29 -2.56
N LYS A 77 -13.11 -18.14 -1.96
CA LYS A 77 -13.97 -17.53 -0.94
C LYS A 77 -14.65 -16.25 -1.42
N ASN A 78 -14.35 -15.78 -2.63
CA ASN A 78 -14.89 -14.51 -3.13
C ASN A 78 -14.54 -13.36 -2.18
N LEU A 79 -13.25 -13.23 -1.89
CA LEU A 79 -12.70 -12.18 -1.04
C LEU A 79 -11.63 -11.41 -1.79
N LEU A 80 -11.49 -10.14 -1.47
CA LEU A 80 -10.43 -9.32 -2.04
C LEU A 80 -9.56 -8.81 -0.89
N TYR A 81 -8.28 -9.17 -0.91
CA TYR A 81 -7.31 -8.65 0.05
C TYR A 81 -6.81 -7.29 -0.41
N VAL A 82 -6.64 -6.35 0.54
CA VAL A 82 -6.27 -4.97 0.23
C VAL A 82 -5.09 -4.56 1.09
N ALA A 83 -4.02 -4.08 0.44
CA ALA A 83 -2.91 -3.46 1.15
C ALA A 83 -3.29 -2.01 1.38
N ASP A 84 -3.78 -1.71 2.58
CA ASP A 84 -4.34 -0.39 2.88
C ASP A 84 -3.20 0.46 3.45
N THR A 85 -2.41 1.02 2.52
CA THR A 85 -1.03 1.44 2.80
C THR A 85 -0.95 2.43 3.96
N GLU A 86 -1.68 3.54 3.89
CA GLU A 86 -1.52 4.57 4.91
C GLU A 86 -2.28 4.27 6.19
N ASN A 87 -3.05 3.18 6.25
CA ASN A 87 -3.51 2.62 7.51
C ASN A 87 -2.61 1.50 8.01
N HIS A 88 -1.53 1.17 7.29
CA HIS A 88 -0.61 0.12 7.73
C HIS A 88 -1.38 -1.14 8.10
N ALA A 89 -2.27 -1.56 7.20
CA ALA A 89 -3.21 -2.62 7.49
C ALA A 89 -3.50 -3.45 6.25
N LEU A 90 -3.78 -4.72 6.50
CA LEU A 90 -4.30 -5.64 5.49
C LEU A 90 -5.80 -5.74 5.73
N ARG A 91 -6.60 -5.45 4.71
CA ARG A 91 -8.06 -5.54 4.81
C ARG A 91 -8.57 -6.67 3.94
N GLU A 92 -9.82 -7.05 4.19
CA GLU A 92 -10.50 -8.10 3.44
C GLU A 92 -11.87 -7.58 3.04
N ILE A 93 -12.15 -7.53 1.75
CA ILE A 93 -13.48 -7.22 1.24
C ILE A 93 -14.20 -8.53 0.95
N ASP A 94 -15.32 -8.76 1.64
CA ASP A 94 -16.12 -9.98 1.53
C ASP A 94 -17.32 -9.66 0.64
N PHE A 95 -17.31 -10.17 -0.59
CA PHE A 95 -18.39 -9.89 -1.52
C PHE A 95 -19.63 -10.75 -1.27
N VAL A 96 -19.49 -11.88 -0.57
CA VAL A 96 -20.67 -12.67 -0.23
C VAL A 96 -21.55 -11.89 0.76
N ASN A 97 -20.94 -11.35 1.82
CA ASN A 97 -21.65 -10.63 2.87
C ASN A 97 -21.56 -9.12 2.75
N GLU A 98 -20.85 -8.62 1.74
CA GLU A 98 -20.70 -7.18 1.49
C GLU A 98 -20.23 -6.43 2.74
N ARG A 99 -19.06 -6.86 3.23
CA ARG A 99 -18.44 -6.33 4.43
C ARG A 99 -16.95 -6.20 4.24
N VAL A 100 -16.36 -5.26 4.98
CA VAL A 100 -14.91 -5.09 5.03
C VAL A 100 -14.44 -5.36 6.45
N GLN A 101 -13.36 -6.13 6.59
CA GLN A 101 -12.79 -6.32 7.91
C GLN A 101 -11.27 -6.24 7.81
N THR A 102 -10.65 -5.97 8.95
CA THR A 102 -9.21 -5.79 9.01
C THR A 102 -8.60 -7.10 9.47
N LEU A 103 -7.65 -7.62 8.68
CA LEU A 103 -6.99 -8.88 8.94
C LEU A 103 -5.73 -8.71 9.78
N ALA A 104 -4.98 -7.65 9.55
CA ALA A 104 -3.70 -7.46 10.22
C ALA A 104 -3.37 -5.97 10.20
N GLY A 105 -2.54 -5.56 11.14
CA GLY A 105 -2.24 -4.16 11.31
C GLY A 105 -3.35 -3.49 12.09
N ASN A 106 -3.09 -2.25 12.53
CA ASN A 106 -4.05 -1.61 13.40
C ASN A 106 -4.14 -0.10 13.18
N GLY A 107 -3.68 0.41 12.05
CA GLY A 107 -3.76 1.81 11.74
C GLY A 107 -2.50 2.60 12.06
N THR A 108 -1.62 2.08 12.91
CA THR A 108 -0.41 2.77 13.29
C THR A 108 0.80 2.10 12.64
N LYS A 109 1.77 2.92 12.27
CA LYS A 109 2.97 2.43 11.60
C LYS A 109 3.86 1.69 12.60
N GLY A 110 4.18 0.45 12.31
CA GLY A 110 4.98 -0.34 13.23
C GLY A 110 6.48 -0.20 12.97
N SER A 111 7.26 -0.76 13.89
CA SER A 111 8.71 -0.90 13.71
C SER A 111 9.14 -2.28 14.19
N ASP A 112 8.30 -3.28 13.89
CA ASP A 112 8.51 -4.66 14.29
C ASP A 112 9.05 -5.40 13.07
N TYR A 113 10.33 -5.79 13.12
CA TYR A 113 10.97 -6.41 11.97
C TYR A 113 10.86 -7.93 11.95
N GLN A 114 10.18 -8.52 12.95
CA GLN A 114 10.00 -9.98 13.00
C GLN A 114 8.54 -10.39 12.97
N GLY A 115 7.68 -9.69 13.72
CA GLY A 115 6.28 -10.09 13.75
C GLY A 115 6.06 -11.45 14.39
N GLY A 116 4.99 -12.12 13.95
CA GLY A 116 4.58 -13.39 14.51
C GLY A 116 3.35 -13.29 15.38
N ARG A 117 2.82 -12.09 15.59
CA ARG A 117 1.59 -11.94 16.34
C ARG A 117 0.39 -12.21 15.44
N LYS A 118 -0.77 -12.35 16.05
CA LYS A 118 -1.99 -12.74 15.36
C LYS A 118 -2.82 -11.51 14.96
N GLY A 119 -3.16 -11.43 13.67
CA GLY A 119 -4.19 -10.49 13.27
C GLY A 119 -3.86 -9.05 13.59
N THR A 120 -4.84 -8.34 14.13
CA THR A 120 -4.63 -6.90 14.33
C THR A 120 -3.73 -6.60 15.52
N LYS A 121 -3.23 -7.61 16.23
CA LYS A 121 -2.19 -7.31 17.20
C LYS A 121 -0.81 -7.18 16.55
N GLN A 122 -0.68 -7.55 15.28
CA GLN A 122 0.58 -7.43 14.55
C GLN A 122 0.58 -6.12 13.77
N LEU A 123 1.50 -5.23 14.10
CA LEU A 123 1.58 -3.96 13.37
C LEU A 123 2.31 -4.17 12.04
N LEU A 124 1.92 -3.39 11.04
CA LEU A 124 2.57 -3.41 9.73
C LEU A 124 3.19 -2.05 9.45
N ASN A 125 3.87 -1.94 8.31
CA ASN A 125 4.53 -0.68 7.92
C ASN A 125 4.43 -0.49 6.40
N SER A 126 3.50 0.33 5.98
CA SER A 126 3.31 0.63 4.59
C SER A 126 3.26 -0.55 3.62
N PRO A 127 2.31 -1.42 3.83
CA PRO A 127 2.15 -2.53 2.91
C PRO A 127 1.71 -1.95 1.57
N TRP A 128 2.37 -2.36 0.50
CA TRP A 128 2.05 -1.82 -0.82
C TRP A 128 1.38 -2.79 -1.79
N ASP A 129 1.75 -4.07 -1.73
CA ASP A 129 1.17 -5.04 -2.63
C ASP A 129 0.95 -6.36 -1.92
N VAL A 130 0.03 -7.15 -2.46
CA VAL A 130 -0.33 -8.46 -1.93
C VAL A 130 -0.53 -9.44 -3.07
N CYS A 131 -0.25 -10.70 -2.79
N CYS A 131 -0.26 -10.70 -2.78
CA CYS A 131 -0.62 -11.81 -3.66
CA CYS A 131 -0.65 -11.80 -3.65
C CYS A 131 -1.08 -12.96 -2.77
C CYS A 131 -1.08 -12.96 -2.77
N PHE A 132 -1.98 -13.78 -3.30
CA PHE A 132 -2.58 -14.87 -2.54
C PHE A 132 -2.13 -16.21 -3.08
N GLU A 133 -1.53 -17.02 -2.20
CA GLU A 133 -1.08 -18.35 -2.55
C GLU A 133 -2.17 -19.32 -2.13
N PRO A 134 -2.95 -19.88 -3.06
CA PRO A 134 -4.22 -20.52 -2.69
C PRO A 134 -4.08 -21.94 -2.15
N VAL A 135 -2.91 -22.57 -2.29
CA VAL A 135 -2.75 -23.95 -1.84
C VAL A 135 -2.45 -23.99 -0.35
N ASN A 136 -1.49 -23.18 0.10
CA ASN A 136 -1.16 -23.09 1.51
C ASN A 136 -1.91 -21.96 2.21
N GLU A 137 -2.71 -21.20 1.46
CA GLU A 137 -3.58 -20.14 1.98
C GLU A 137 -2.77 -19.09 2.74
N LYS A 138 -1.87 -18.45 2.01
CA LYS A 138 -1.01 -17.40 2.52
C LYS A 138 -1.16 -16.15 1.66
N VAL A 139 -1.18 -14.99 2.29
CA VAL A 139 -1.07 -13.72 1.58
C VAL A 139 0.34 -13.21 1.78
N TYR A 140 1.10 -13.06 0.69
CA TYR A 140 2.43 -12.45 0.76
C TYR A 140 2.28 -10.94 0.54
N ILE A 141 3.00 -10.17 1.35
CA ILE A 141 2.85 -8.71 1.42
C ILE A 141 4.19 -8.07 1.10
N ALA A 142 4.19 -7.17 0.12
CA ALA A 142 5.36 -6.34 -0.12
C ALA A 142 5.32 -5.23 0.92
N MET A 143 6.16 -5.35 1.96
CA MET A 143 6.14 -4.40 3.08
C MET A 143 7.15 -3.30 2.77
N ALA A 144 6.72 -2.36 1.91
CA ALA A 144 7.60 -1.33 1.37
C ALA A 144 8.25 -0.51 2.46
N GLY A 145 7.52 -0.24 3.55
CA GLY A 145 8.04 0.63 4.59
C GLY A 145 9.25 0.08 5.31
N GLN A 146 9.41 -1.23 5.34
CA GLN A 146 10.49 -1.88 6.08
C GLN A 146 11.38 -2.74 5.20
N HIS A 147 11.24 -2.65 3.88
CA HIS A 147 12.11 -3.35 2.94
C HIS A 147 12.07 -4.86 3.18
N GLN A 148 10.88 -5.39 3.43
CA GLN A 148 10.71 -6.81 3.70
C GLN A 148 9.50 -7.34 2.94
N ILE A 149 9.47 -8.66 2.77
CA ILE A 149 8.26 -9.37 2.37
C ILE A 149 7.72 -10.07 3.61
N TRP A 150 6.42 -9.94 3.87
CA TRP A 150 5.77 -10.59 5.00
C TRP A 150 4.79 -11.65 4.52
N GLU A 151 4.38 -12.50 5.45
CA GLU A 151 3.43 -13.57 5.18
C GLU A 151 2.29 -13.49 6.18
N TYR A 152 1.06 -13.41 5.67
CA TYR A 152 -0.15 -13.48 6.49
C TYR A 152 -0.78 -14.86 6.29
N SER A 153 -1.05 -15.58 7.38
CA SER A 153 -1.62 -16.93 7.29
C SER A 153 -3.15 -16.81 7.36
N VAL A 154 -3.81 -17.15 6.25
CA VAL A 154 -5.26 -16.95 6.16
C VAL A 154 -5.99 -17.79 7.20
N LEU A 155 -5.47 -18.99 7.50
CA LEU A 155 -6.22 -19.91 8.36
C LEU A 155 -6.12 -19.57 9.84
N ASP A 156 -5.07 -18.85 10.27
CA ASP A 156 -4.96 -18.58 11.70
C ASP A 156 -4.54 -17.16 12.04
N GLY A 157 -4.25 -16.31 11.06
CA GLY A 157 -4.01 -14.90 11.26
C GLY A 157 -2.59 -14.54 11.64
N ILE A 158 -1.70 -15.52 11.78
CA ILE A 158 -0.31 -15.23 12.10
C ILE A 158 0.28 -14.42 10.97
N THR A 159 0.93 -13.31 11.32
CA THR A 159 1.47 -12.34 10.37
C THR A 159 2.93 -12.12 10.75
N ARG A 160 3.86 -12.47 9.85
CA ARG A 160 5.26 -12.55 10.24
C ARG A 160 6.15 -12.11 9.08
N VAL A 161 7.39 -11.73 9.40
CA VAL A 161 8.34 -11.47 8.33
C VAL A 161 8.62 -12.78 7.60
N PHE A 162 8.70 -12.70 6.27
CA PHE A 162 9.04 -13.85 5.45
C PHE A 162 10.45 -13.76 4.89
N SER A 163 10.84 -12.59 4.39
CA SER A 163 12.18 -12.43 3.84
C SER A 163 12.62 -10.98 4.00
N GLY A 164 13.92 -10.79 4.29
CA GLY A 164 14.49 -9.47 4.36
C GLY A 164 14.90 -9.06 5.77
N ASN A 165 16.12 -8.54 5.92
CA ASN A 165 16.64 -8.17 7.24
C ASN A 165 16.30 -6.74 7.64
N GLY A 166 15.58 -6.00 6.77
CA GLY A 166 15.11 -4.65 7.08
C GLY A 166 16.02 -3.53 6.61
N TYR A 167 17.26 -3.84 6.24
CA TYR A 167 18.13 -2.85 5.62
C TYR A 167 17.77 -2.68 4.17
N GLU A 168 17.94 -1.47 3.66
CA GLU A 168 17.56 -1.19 2.29
C GLU A 168 18.75 -1.46 1.38
N ARG A 169 18.72 -2.57 0.66
CA ARG A 169 19.78 -2.94 -0.26
C ARG A 169 19.26 -4.04 -1.16
N ASN A 170 19.98 -4.26 -2.26
CA ASN A 170 19.64 -5.32 -3.22
C ASN A 170 20.57 -6.48 -2.91
N LEU A 171 20.17 -7.29 -1.92
CA LEU A 171 21.03 -8.35 -1.40
C LEU A 171 20.28 -9.66 -1.54
N ASN A 172 20.85 -10.60 -2.29
CA ASN A 172 20.12 -11.80 -2.72
C ASN A 172 20.74 -13.05 -2.10
N GLY A 173 20.59 -13.20 -0.78
CA GLY A 173 21.08 -14.36 -0.08
C GLY A 173 20.13 -15.53 -0.19
N SER A 174 20.43 -16.57 0.58
CA SER A 174 19.68 -17.81 0.55
CA SER A 174 19.72 -17.83 0.58
C SER A 174 18.75 -18.01 1.74
N THR A 175 18.74 -17.09 2.70
CA THR A 175 17.91 -17.22 3.89
C THR A 175 17.23 -15.88 4.15
N PRO A 176 16.13 -15.86 4.92
CA PRO A 176 15.43 -14.59 5.11
C PRO A 176 16.31 -13.49 5.67
N GLN A 177 17.27 -13.80 6.55
CA GLN A 177 18.07 -12.74 7.14
C GLN A 177 19.33 -12.42 6.34
N THR A 178 19.62 -13.17 5.28
CA THR A 178 20.67 -12.78 4.37
C THR A 178 20.12 -12.24 3.05
N THR A 179 18.84 -11.86 3.03
CA THR A 179 18.30 -11.10 1.92
C THR A 179 17.91 -9.71 2.41
N SER A 180 17.90 -8.76 1.48
CA SER A 180 17.36 -7.45 1.75
C SER A 180 16.63 -6.98 0.51
N PHE A 181 15.63 -6.12 0.72
CA PHE A 181 14.89 -5.51 -0.38
C PHE A 181 15.05 -3.99 -0.29
N ALA A 182 14.47 -3.31 -1.28
CA ALA A 182 14.65 -1.86 -1.39
C ALA A 182 13.32 -1.30 -1.89
N GLN A 183 12.45 -0.94 -0.94
CA GLN A 183 11.11 -0.46 -1.24
C GLN A 183 10.35 -1.41 -2.17
N PRO A 184 10.22 -2.68 -1.80
CA PRO A 184 9.48 -3.63 -2.63
C PRO A 184 8.03 -3.23 -2.69
N SER A 185 7.51 -3.04 -3.92
CA SER A 185 6.20 -2.41 -4.13
C SER A 185 5.26 -3.22 -5.00
N GLY A 186 5.72 -4.35 -5.53
CA GLY A 186 4.87 -5.22 -6.31
C GLY A 186 5.28 -6.66 -6.09
N ILE A 187 4.31 -7.57 -6.08
CA ILE A 187 4.61 -8.98 -5.85
C ILE A 187 3.62 -9.81 -6.64
N SER A 188 4.13 -10.83 -7.35
CA SER A 188 3.26 -11.71 -8.14
C SER A 188 3.81 -13.12 -8.10
N LEU A 189 2.93 -14.08 -7.86
CA LEU A 189 3.34 -15.47 -7.81
C LEU A 189 3.54 -16.11 -9.18
N GLY A 190 4.54 -16.98 -9.27
CA GLY A 190 4.79 -17.76 -10.45
C GLY A 190 3.76 -18.86 -10.62
N PRO A 191 3.72 -19.43 -11.82
CA PRO A 191 2.68 -20.44 -12.14
C PRO A 191 2.70 -21.68 -11.26
N ASP A 192 3.89 -22.13 -10.83
CA ASP A 192 3.96 -23.30 -9.96
C ASP A 192 3.81 -22.95 -8.51
N LEU A 193 3.67 -21.65 -8.19
CA LEU A 193 3.55 -21.17 -6.81
C LEU A 193 4.80 -21.46 -6.00
N LYS A 194 5.96 -21.57 -6.66
CA LYS A 194 7.19 -21.84 -5.92
C LYS A 194 8.03 -20.59 -5.71
N GLU A 195 7.78 -19.56 -6.51
CA GLU A 195 8.49 -18.29 -6.36
C GLU A 195 7.51 -17.13 -6.49
N ALA A 196 7.90 -16.00 -5.91
CA ALA A 196 7.17 -14.74 -6.06
C ALA A 196 8.12 -13.75 -6.69
N TYR A 197 7.66 -13.07 -7.72
CA TYR A 197 8.46 -12.07 -8.40
C TYR A 197 8.19 -10.71 -7.76
N ILE A 198 9.26 -9.95 -7.55
CA ILE A 198 9.21 -8.74 -6.72
C ILE A 198 9.64 -7.56 -7.57
N ALA A 199 8.85 -6.49 -7.55
CA ALA A 199 9.27 -5.20 -8.10
C ALA A 199 9.99 -4.48 -6.99
N ASP A 200 11.33 -4.50 -7.04
CA ASP A 200 12.18 -3.94 -5.97
C ASP A 200 12.44 -2.49 -6.37
N SER A 201 11.50 -1.63 -6.01
CA SER A 201 11.41 -0.33 -6.68
C SER A 201 12.69 0.51 -6.51
N GLU A 202 13.23 0.59 -5.29
CA GLU A 202 14.32 1.53 -5.08
C GLU A 202 15.69 0.96 -5.42
N SER A 203 15.80 -0.33 -5.73
CA SER A 203 17.01 -0.81 -6.37
C SER A 203 16.85 -0.85 -7.88
N SER A 204 15.67 -0.49 -8.39
CA SER A 204 15.33 -0.55 -9.81
C SER A 204 15.62 -1.92 -10.40
N SER A 205 15.11 -2.97 -9.74
CA SER A 205 15.32 -4.32 -10.23
C SER A 205 14.07 -5.17 -10.06
N ILE A 206 14.03 -6.28 -10.79
CA ILE A 206 13.05 -7.34 -10.58
C ILE A 206 13.78 -8.53 -9.96
N ARG A 207 13.20 -9.11 -8.92
CA ARG A 207 13.81 -10.20 -8.18
C ARG A 207 12.81 -11.34 -8.07
N ALA A 208 13.32 -12.51 -7.70
CA ALA A 208 12.50 -13.69 -7.48
C ALA A 208 12.74 -14.19 -6.07
N LEU A 209 11.67 -14.30 -5.29
CA LEU A 209 11.70 -14.79 -3.91
C LEU A 209 11.33 -16.27 -3.87
N ASP A 210 12.15 -17.07 -3.19
CA ASP A 210 11.89 -18.51 -3.04
C ASP A 210 10.92 -18.72 -1.89
N LEU A 211 9.71 -19.24 -2.20
CA LEU A 211 8.66 -19.38 -1.19
C LEU A 211 8.89 -20.56 -0.24
N GLN A 212 9.90 -21.36 -0.47
CA GLN A 212 10.22 -22.42 0.47
C GLN A 212 11.34 -22.04 1.44
N THR A 213 12.28 -21.21 1.01
CA THR A 213 13.47 -20.88 1.80
C THR A 213 13.49 -19.45 2.31
N GLY A 214 12.76 -18.53 1.68
CA GLY A 214 12.94 -17.14 2.00
C GLY A 214 14.14 -16.48 1.35
N GLY A 215 14.91 -17.20 0.54
CA GLY A 215 16.00 -16.58 -0.19
C GLY A 215 15.49 -15.87 -1.43
N SER A 216 16.38 -15.12 -2.07
CA SER A 216 15.98 -14.40 -3.28
C SER A 216 17.12 -14.43 -4.29
N ARG A 217 16.78 -14.11 -5.54
CA ARG A 217 17.76 -13.97 -6.59
C ARG A 217 17.41 -12.78 -7.48
N LEU A 218 18.42 -12.21 -8.12
CA LEU A 218 18.26 -11.04 -8.98
C LEU A 218 17.99 -11.48 -10.41
N LEU A 219 16.89 -11.01 -10.99
CA LEU A 219 16.57 -11.37 -12.38
C LEU A 219 17.12 -10.35 -13.37
N ALA A 220 16.78 -9.06 -13.21
CA ALA A 220 17.25 -8.06 -14.15
C ALA A 220 17.17 -6.67 -13.52
N GLY A 221 18.05 -5.78 -13.97
CA GLY A 221 18.08 -4.44 -13.43
C GLY A 221 18.96 -4.34 -12.20
N GLY A 222 19.27 -3.11 -11.83
CA GLY A 222 20.06 -2.91 -10.62
C GLY A 222 21.53 -3.24 -10.78
N ASP A 223 22.21 -3.22 -9.63
CA ASP A 223 23.64 -3.44 -9.55
C ASP A 223 23.89 -4.79 -8.90
N PRO A 224 24.32 -5.81 -9.65
CA PRO A 224 24.52 -7.13 -9.05
C PRO A 224 25.75 -7.23 -8.15
N TYR A 225 26.61 -6.21 -8.11
CA TYR A 225 27.85 -6.30 -7.35
C TYR A 225 27.89 -5.36 -6.16
N PHE A 226 27.13 -4.27 -6.16
CA PHE A 226 27.08 -3.33 -5.04
C PHE A 226 25.64 -3.30 -4.55
N SER A 227 25.35 -4.07 -3.50
CA SER A 227 23.99 -4.20 -3.03
C SER A 227 23.47 -2.87 -2.51
N GLU A 228 24.36 -2.00 -2.04
CA GLU A 228 23.94 -0.73 -1.49
C GLU A 228 23.68 0.33 -2.55
N ASN A 229 23.95 0.04 -3.82
CA ASN A 229 23.81 1.05 -4.86
C ASN A 229 22.36 1.19 -5.28
N LEU A 230 21.75 2.33 -4.99
CA LEU A 230 20.35 2.56 -5.36
C LEU A 230 20.28 3.48 -6.58
N PHE A 231 21.41 3.66 -7.27
CA PHE A 231 21.44 4.60 -8.38
C PHE A 231 21.78 3.91 -9.69
N LYS A 232 21.64 2.58 -9.74
CA LYS A 232 21.84 1.87 -10.99
C LYS A 232 20.51 1.80 -11.72
N PHE A 233 20.13 2.96 -12.27
CA PHE A 233 18.86 3.07 -12.98
C PHE A 233 19.08 3.79 -14.30
N GLY A 234 18.07 3.65 -15.15
CA GLY A 234 18.10 4.14 -16.53
C GLY A 234 17.02 3.41 -17.30
N ASP A 235 17.17 3.40 -18.62
CA ASP A 235 16.18 2.79 -19.51
C ASP A 235 16.95 2.07 -20.61
N ASN A 236 17.21 0.79 -20.40
CA ASN A 236 18.00 0.02 -21.35
C ASN A 236 17.48 -1.41 -21.40
N ASP A 237 17.04 -1.83 -22.57
CA ASP A 237 16.66 -3.22 -22.81
C ASP A 237 17.91 -4.09 -23.01
N GLY A 238 17.77 -5.37 -22.72
CA GLY A 238 18.90 -6.29 -22.89
C GLY A 238 18.74 -7.49 -21.98
N VAL A 239 19.87 -8.06 -21.59
CA VAL A 239 19.85 -9.28 -20.79
C VAL A 239 20.56 -9.06 -19.46
N GLY A 240 19.89 -9.42 -18.36
CA GLY A 240 20.49 -9.43 -17.05
C GLY A 240 21.07 -8.09 -16.63
N ALA A 241 22.40 -8.03 -16.50
CA ALA A 241 23.09 -6.84 -16.03
C ALA A 241 23.17 -5.71 -17.06
N GLU A 242 22.84 -5.96 -18.33
CA GLU A 242 22.72 -4.86 -19.29
C GLU A 242 21.46 -4.05 -19.06
N VAL A 243 20.48 -4.60 -18.36
CA VAL A 243 19.16 -4.00 -18.26
C VAL A 243 19.20 -2.86 -17.26
N LEU A 244 18.60 -1.74 -17.63
CA LEU A 244 18.37 -0.64 -16.70
C LEU A 244 16.87 -0.35 -16.67
N LEU A 245 16.32 -0.23 -15.47
CA LEU A 245 14.95 0.18 -15.18
C LEU A 245 15.02 1.41 -14.28
N GLN A 246 13.88 2.02 -13.98
CA GLN A 246 13.87 3.03 -12.91
C GLN A 246 12.59 2.88 -12.13
N HIS A 247 12.71 2.44 -10.88
CA HIS A 247 11.62 2.43 -9.90
C HIS A 247 10.38 1.69 -10.39
N PRO A 248 10.52 0.42 -10.80
CA PRO A 248 9.35 -0.36 -11.19
C PRO A 248 8.46 -0.59 -9.98
N LEU A 249 7.19 -0.24 -10.13
CA LEU A 249 6.22 -0.43 -9.05
C LEU A 249 5.38 -1.69 -9.17
N GLY A 250 5.20 -2.22 -10.38
CA GLY A 250 4.24 -3.29 -10.61
C GLY A 250 4.88 -4.42 -11.39
N VAL A 251 4.44 -5.63 -11.05
CA VAL A 251 4.98 -6.84 -11.68
C VAL A 251 3.85 -7.84 -11.73
N LEU A 252 3.86 -8.66 -12.79
CA LEU A 252 2.82 -9.65 -12.99
C LEU A 252 3.42 -10.84 -13.71
N CYS A 253 3.19 -12.04 -13.19
CA CYS A 253 3.62 -13.26 -13.87
C CYS A 253 2.40 -13.89 -14.53
N ALA A 254 2.47 -14.07 -15.85
CA ALA A 254 1.39 -14.67 -16.64
C ALA A 254 1.47 -16.19 -16.55
N ASN A 255 0.43 -16.85 -17.07
CA ASN A 255 0.35 -18.31 -16.95
C ASN A 255 1.48 -19.01 -17.70
N ASP A 256 1.99 -18.41 -18.79
CA ASP A 256 3.12 -18.99 -19.50
C ASP A 256 4.45 -18.72 -18.82
N GLY A 257 4.43 -18.11 -17.64
CA GLY A 257 5.65 -17.87 -16.89
C GLY A 257 6.39 -16.61 -17.24
N GLN A 258 5.96 -15.88 -18.28
CA GLN A 258 6.62 -14.63 -18.64
C GLN A 258 6.13 -13.51 -17.72
N ILE A 259 7.00 -12.52 -17.52
CA ILE A 259 6.75 -11.49 -16.53
C ILE A 259 6.50 -10.17 -17.25
N TYR A 260 5.45 -9.49 -16.85
CA TYR A 260 5.18 -8.15 -17.32
C TYR A 260 5.43 -7.20 -16.16
N LEU A 261 5.99 -6.03 -16.45
CA LEU A 261 6.30 -5.09 -15.40
C LEU A 261 6.04 -3.68 -15.86
N THR A 262 5.68 -2.84 -14.90
CA THR A 262 5.60 -1.41 -15.18
C THR A 262 6.95 -0.82 -14.78
N ASP A 263 7.71 -0.33 -15.76
CA ASP A 263 8.96 0.38 -15.49
C ASP A 263 8.57 1.82 -15.23
N SER A 264 8.13 2.06 -13.99
CA SER A 264 7.22 3.17 -13.71
C SER A 264 7.83 4.52 -14.03
N TYR A 265 9.07 4.75 -13.61
CA TYR A 265 9.63 6.09 -13.82
C TYR A 265 10.17 6.27 -15.24
N ASN A 266 10.11 5.22 -16.06
CA ASN A 266 10.39 5.35 -17.48
C ASN A 266 9.11 5.31 -18.32
N HIS A 267 7.93 5.26 -17.70
CA HIS A 267 6.67 5.42 -18.43
C HIS A 267 6.49 4.34 -19.48
N LYS A 268 6.89 3.12 -19.14
CA LYS A 268 6.83 1.99 -20.06
C LYS A 268 6.27 0.75 -19.39
N ILE A 269 5.64 -0.12 -20.20
CA ILE A 269 5.44 -1.52 -19.83
C ILE A 269 6.55 -2.31 -20.48
N LYS A 270 7.16 -3.22 -19.71
CA LYS A 270 8.23 -4.06 -20.24
C LYS A 270 7.91 -5.53 -19.99
N LYS A 271 8.55 -6.38 -20.77
CA LYS A 271 8.39 -7.83 -20.65
C LYS A 271 9.73 -8.44 -20.27
N LEU A 272 9.70 -9.29 -19.24
CA LEU A 272 10.91 -9.96 -18.75
C LEU A 272 10.73 -11.46 -18.93
N ASP A 273 11.68 -12.11 -19.60
CA ASP A 273 11.73 -13.55 -19.64
C ASP A 273 12.57 -13.99 -18.44
N PRO A 274 11.98 -14.58 -17.40
CA PRO A 274 12.78 -14.89 -16.20
C PRO A 274 13.80 -15.98 -16.45
N VAL A 275 13.64 -16.77 -17.51
CA VAL A 275 14.58 -17.84 -17.80
C VAL A 275 15.86 -17.30 -18.42
N THR A 276 15.73 -16.44 -19.43
CA THR A 276 16.90 -15.87 -20.10
C THR A 276 17.35 -14.55 -19.49
N LYS A 277 16.53 -13.96 -18.61
CA LYS A 277 16.72 -12.63 -18.03
C LYS A 277 16.67 -11.51 -19.07
N ARG A 278 16.07 -11.77 -20.22
CA ARG A 278 15.93 -10.75 -21.26
C ARG A 278 14.75 -9.84 -20.95
N VAL A 279 14.97 -8.53 -21.07
CA VAL A 279 13.91 -7.54 -20.87
C VAL A 279 13.78 -6.74 -22.15
N VAL A 280 12.54 -6.59 -22.62
CA VAL A 280 12.25 -5.80 -23.81
C VAL A 280 11.10 -4.84 -23.51
N THR A 281 11.15 -3.68 -24.15
CA THR A 281 10.06 -2.72 -24.02
C THR A 281 8.84 -3.22 -24.80
N LEU A 282 7.69 -3.23 -24.15
CA LEU A 282 6.43 -3.63 -24.74
C LEU A 282 5.61 -2.44 -25.21
N ALA A 283 5.43 -1.44 -24.36
CA ALA A 283 4.59 -0.28 -24.68
C ALA A 283 5.19 0.97 -24.04
N GLY A 284 5.06 2.09 -24.75
CA GLY A 284 5.56 3.37 -24.23
C GLY A 284 6.85 3.81 -24.89
N THR A 285 6.92 5.08 -25.28
CA THR A 285 8.16 5.63 -25.81
C THR A 285 9.19 5.96 -24.74
N GLY A 286 8.76 6.07 -23.49
CA GLY A 286 9.60 6.56 -22.43
C GLY A 286 9.33 8.00 -22.06
N LYS A 287 8.59 8.74 -22.89
CA LYS A 287 8.22 10.11 -22.56
C LYS A 287 6.89 10.08 -21.82
N ALA A 288 6.81 10.78 -20.69
CA ALA A 288 5.57 10.80 -19.93
C ALA A 288 4.46 11.45 -20.76
N GLY A 289 3.30 10.81 -20.79
CA GLY A 289 2.21 11.40 -21.55
C GLY A 289 1.02 10.48 -21.59
N PHE A 290 0.07 10.85 -22.44
CA PHE A 290 -1.11 10.01 -22.70
C PHE A 290 -1.32 9.93 -24.21
N LYS A 291 -1.03 8.76 -24.78
CA LYS A 291 -1.29 8.52 -26.20
C LYS A 291 -1.60 7.04 -26.39
N ASP A 292 -2.77 6.75 -26.95
CA ASP A 292 -3.18 5.38 -27.25
C ASP A 292 -2.70 4.98 -28.64
N GLY A 293 -2.83 3.71 -28.95
CA GLY A 293 -2.46 3.24 -30.28
C GLY A 293 -1.34 2.22 -30.28
N LYS A 294 -0.61 2.11 -31.40
CA LYS A 294 0.44 1.10 -31.52
C LYS A 294 1.40 1.22 -30.35
N VAL A 295 1.76 0.07 -29.76
CA VAL A 295 2.32 0.07 -28.41
C VAL A 295 3.66 0.79 -28.37
N LYS A 296 4.50 0.62 -29.41
CA LYS A 296 5.81 1.27 -29.38
C LYS A 296 5.75 2.78 -29.51
N GLY A 297 4.68 3.34 -30.08
CA GLY A 297 4.52 4.77 -30.18
C GLY A 297 3.65 5.40 -29.12
N ALA A 298 3.08 4.61 -28.22
CA ALA A 298 2.14 5.08 -27.21
C ALA A 298 2.87 5.78 -26.05
N GLN A 299 2.10 6.46 -25.20
CA GLN A 299 2.68 7.07 -24.02
C GLN A 299 1.83 6.74 -22.80
N LEU A 300 2.52 6.51 -21.69
CA LEU A 300 1.94 6.29 -20.36
C LEU A 300 2.56 7.31 -19.42
N SER A 301 2.02 7.39 -18.20
CA SER A 301 2.57 8.32 -17.22
C SER A 301 2.59 7.66 -15.85
N GLU A 302 3.78 7.22 -15.44
CA GLU A 302 3.99 6.51 -14.18
C GLU A 302 3.05 5.33 -13.95
N PRO A 303 2.96 4.40 -14.90
CA PRO A 303 2.12 3.22 -14.69
C PRO A 303 2.67 2.40 -13.53
N ALA A 304 1.77 1.74 -12.76
CA ALA A 304 2.18 1.16 -11.47
C ALA A 304 1.55 -0.18 -11.08
N GLY A 305 0.51 -0.62 -11.73
CA GLY A 305 -0.11 -1.89 -11.40
C GLY A 305 -0.58 -2.56 -12.67
N LEU A 306 -0.72 -3.88 -12.60
CA LEU A 306 -1.08 -4.70 -13.76
C LEU A 306 -2.05 -5.79 -13.33
N ALA A 307 -2.86 -6.24 -14.28
CA ALA A 307 -3.64 -7.46 -14.10
C ALA A 307 -3.87 -8.06 -15.48
N ILE A 308 -4.18 -9.36 -15.53
CA ILE A 308 -4.26 -10.04 -16.82
C ILE A 308 -5.43 -11.01 -16.83
N THR A 309 -6.10 -11.10 -17.98
CA THR A 309 -7.15 -12.10 -18.18
C THR A 309 -6.54 -13.38 -18.71
N GLU A 310 -7.34 -14.46 -18.68
CA GLU A 310 -6.87 -15.71 -19.26
C GLU A 310 -6.68 -15.61 -20.77
N ASN A 311 -7.40 -14.70 -21.42
CA ASN A 311 -7.31 -14.52 -22.87
C ASN A 311 -6.18 -13.57 -23.29
N GLY A 312 -5.39 -13.07 -22.35
CA GLY A 312 -4.22 -12.29 -22.71
C GLY A 312 -4.43 -10.79 -22.77
N ARG A 313 -5.47 -10.26 -22.13
CA ARG A 313 -5.67 -8.82 -22.08
C ARG A 313 -4.99 -8.31 -20.82
N LEU A 314 -3.99 -7.48 -20.99
CA LEU A 314 -3.18 -6.97 -19.89
C LEU A 314 -3.70 -5.58 -19.54
N PHE A 315 -4.22 -5.43 -18.33
CA PHE A 315 -4.68 -4.14 -17.83
C PHE A 315 -3.57 -3.45 -17.06
N VAL A 316 -3.50 -2.12 -17.20
CA VAL A 316 -2.48 -1.32 -16.55
C VAL A 316 -3.16 -0.19 -15.80
N ALA A 317 -2.77 0.02 -14.54
CA ALA A 317 -3.14 1.24 -13.82
C ALA A 317 -2.12 2.29 -14.22
N ASP A 318 -2.55 3.22 -15.08
CA ASP A 318 -1.69 4.27 -15.62
C ASP A 318 -1.80 5.45 -14.67
N THR A 319 -1.06 5.34 -13.56
CA THR A 319 -1.39 6.10 -12.34
C THR A 319 -1.45 7.59 -12.57
N ASN A 320 -0.40 8.20 -13.16
CA ASN A 320 -0.40 9.64 -13.20
C ASN A 320 -1.37 10.20 -14.23
N ASN A 321 -1.85 9.37 -15.15
CA ASN A 321 -2.95 9.76 -16.05
C ASN A 321 -4.33 9.51 -15.44
N SER A 322 -4.37 8.86 -14.28
CA SER A 322 -5.61 8.43 -13.63
C SER A 322 -6.51 7.66 -14.59
N LEU A 323 -5.90 6.77 -15.36
CA LEU A 323 -6.62 5.94 -16.32
C LEU A 323 -6.24 4.49 -16.15
N ILE A 324 -7.17 3.61 -16.50
CA ILE A 324 -6.89 2.19 -16.69
C ILE A 324 -6.74 1.98 -18.19
N ARG A 325 -5.64 1.34 -18.60
CA ARG A 325 -5.39 1.06 -20.01
C ARG A 325 -5.31 -0.45 -20.21
N TYR A 326 -5.37 -0.90 -21.47
CA TYR A 326 -5.21 -2.35 -21.67
C TYR A 326 -4.55 -2.65 -23.02
N ILE A 327 -3.88 -3.81 -23.06
CA ILE A 327 -3.22 -4.31 -24.27
C ILE A 327 -3.66 -5.76 -24.48
N ASP A 328 -4.07 -6.09 -25.71
CA ASP A 328 -4.33 -7.48 -26.07
C ASP A 328 -3.03 -8.11 -26.54
N LEU A 329 -2.44 -8.94 -25.73
CA LEU A 329 -1.16 -9.55 -25.97
C LEU A 329 -1.08 -10.52 -27.15
N ASN A 330 -2.21 -11.04 -27.52
CA ASN A 330 -2.37 -11.95 -28.65
C ASN A 330 -2.09 -11.33 -29.99
N LYS A 331 -2.27 -10.01 -30.11
CA LYS A 331 -2.02 -9.26 -31.34
C LYS A 331 -0.57 -9.15 -31.79
N GLY A 332 0.36 -9.56 -30.97
CA GLY A 332 1.74 -9.59 -31.30
C GLY A 332 2.30 -8.26 -31.54
N GLU A 333 2.89 -8.09 -32.70
CA GLU A 333 3.52 -6.82 -32.98
C GLU A 333 2.58 -5.78 -33.51
N ASP A 334 1.34 -6.15 -33.75
CA ASP A 334 0.32 -5.23 -34.14
C ASP A 334 -0.48 -4.77 -32.88
N SER A 335 0.03 -5.05 -31.68
CA SER A 335 -0.60 -4.71 -30.47
C SER A 335 -0.77 -3.23 -30.29
N GLU A 336 -1.84 -2.89 -29.63
CA GLU A 336 -2.11 -1.52 -29.33
C GLU A 336 -2.54 -1.38 -27.87
N ILE A 337 -2.25 -0.23 -27.28
CA ILE A 337 -2.76 0.06 -25.96
C ILE A 337 -3.93 1.01 -26.09
N LEU A 338 -5.00 0.71 -25.37
CA LEU A 338 -6.23 1.45 -25.45
C LEU A 338 -6.65 1.81 -24.04
N THR A 339 -7.61 2.71 -23.91
CA THR A 339 -8.06 3.16 -22.60
C THR A 339 -9.38 2.51 -22.23
N LEU A 340 -9.45 1.97 -21.01
CA LEU A 340 -10.69 1.41 -20.50
C LEU A 340 -11.66 2.57 -20.24
N GLU A 341 -12.75 2.60 -20.97
CA GLU A 341 -13.74 3.65 -20.77
C GLU A 341 -14.66 3.24 -19.63
N LEU A 342 -14.55 3.94 -18.50
CA LEU A 342 -15.36 3.57 -17.35
C LEU A 342 -16.78 4.07 -17.54
N LYS A 343 -17.75 3.24 -17.17
CA LYS A 343 -19.15 3.48 -17.45
C LYS A 343 -19.92 3.32 -16.15
N GLY A 344 -20.64 4.38 -15.75
CA GLY A 344 -21.36 4.31 -14.49
C GLY A 344 -20.49 4.46 -13.25
N VAL A 345 -19.19 4.73 -13.41
CA VAL A 345 -18.28 4.95 -12.28
C VAL A 345 -18.31 6.42 -11.93
N GLN A 346 -18.94 6.72 -10.84
CA GLN A 346 -19.04 8.10 -10.42
C GLN A 346 -17.77 8.54 -9.70
N PRO A 347 -17.47 9.84 -9.69
CA PRO A 347 -16.47 10.34 -8.77
C PRO A 347 -16.97 10.22 -7.34
N PRO A 348 -16.12 10.36 -6.34
CA PRO A 348 -16.61 10.27 -4.96
C PRO A 348 -17.67 11.33 -4.69
N THR A 349 -18.66 10.97 -3.89
CA THR A 349 -19.67 11.91 -3.44
C THR A 349 -19.86 11.69 -1.96
N PRO A 350 -19.15 12.46 -1.11
CA PRO A 350 -19.36 12.40 0.34
C PRO A 350 -20.62 13.15 0.77
N THR A 366 -17.26 12.04 15.89
CA THR A 366 -15.96 12.07 16.56
C THR A 366 -14.85 11.74 15.57
N LYS A 367 -13.98 12.72 15.33
CA LYS A 367 -12.84 12.53 14.44
C LYS A 367 -11.72 11.78 15.18
N ILE A 368 -11.08 10.85 14.48
CA ILE A 368 -9.97 10.07 15.02
C ILE A 368 -8.69 10.52 14.33
N VAL A 369 -7.64 10.71 15.12
CA VAL A 369 -6.33 11.09 14.61
C VAL A 369 -5.32 10.06 15.10
N LYS A 370 -4.86 9.21 14.19
CA LYS A 370 -3.75 8.31 14.51
C LYS A 370 -2.45 9.11 14.60
N VAL A 371 -1.76 8.98 15.71
CA VAL A 371 -0.52 9.69 15.97
C VAL A 371 0.65 8.74 15.77
N ASP A 372 1.77 9.27 15.26
CA ASP A 372 2.98 8.47 15.17
C ASP A 372 3.40 8.00 16.56
N SER A 373 3.86 6.75 16.64
CA SER A 373 4.17 6.14 17.92
C SER A 373 5.22 6.95 18.68
N VAL A 374 5.06 7.00 20.00
CA VAL A 374 6.00 7.68 20.89
C VAL A 374 7.00 6.66 21.39
N THR A 375 8.29 6.91 21.16
CA THR A 375 9.32 5.91 21.42
C THR A 375 10.14 6.16 22.68
N SER A 376 9.94 7.28 23.35
CA SER A 376 10.72 7.65 24.52
C SER A 376 9.98 7.26 25.80
N ARG A 377 10.75 6.82 26.81
CA ARG A 377 10.17 6.50 28.11
C ARG A 377 9.41 7.69 28.69
N GLU A 378 9.98 8.89 28.59
CA GLU A 378 9.40 10.07 29.23
C GLU A 378 9.46 11.23 28.25
N GLY A 379 8.55 12.18 28.42
CA GLY A 379 8.59 13.36 27.59
C GLY A 379 7.31 14.18 27.70
N ASP A 380 7.08 14.99 26.67
CA ASP A 380 5.95 15.89 26.66
C ASP A 380 5.24 15.74 25.32
N LEU A 381 3.92 15.81 25.36
CA LEU A 381 3.11 15.85 24.15
C LEU A 381 2.70 17.30 23.94
N ASN A 382 3.04 17.85 22.78
CA ASN A 382 2.70 19.22 22.40
C ASN A 382 1.49 19.14 21.47
N LEU A 383 0.31 19.40 22.02
CA LEU A 383 -0.96 19.24 21.31
C LEU A 383 -1.38 20.59 20.74
N LYS A 384 -1.56 20.69 19.44
CA LYS A 384 -2.02 21.91 18.84
C LYS A 384 -3.11 21.65 17.82
N ILE A 385 -4.24 22.27 18.02
CA ILE A 385 -5.40 22.14 17.15
C ILE A 385 -5.54 23.46 16.40
N SER A 386 -5.52 23.38 15.07
CA SER A 386 -5.60 24.55 14.21
C SER A 386 -7.01 24.73 13.67
N LEU A 387 -7.38 25.99 13.48
CA LEU A 387 -8.66 26.36 12.90
C LEU A 387 -8.47 26.88 11.49
N PRO A 388 -9.50 26.84 10.65
CA PRO A 388 -9.42 27.47 9.34
C PRO A 388 -9.43 28.99 9.46
N ASP A 389 -8.95 29.63 8.40
CA ASP A 389 -8.97 31.10 8.35
C ASP A 389 -10.40 31.60 8.45
N GLY A 390 -10.61 32.62 9.27
CA GLY A 390 -11.91 33.16 9.56
C GLY A 390 -12.50 32.69 10.89
N TYR A 391 -12.13 31.49 11.34
CA TYR A 391 -12.63 30.94 12.58
C TYR A 391 -11.70 31.26 13.74
N HIS A 392 -12.28 31.36 14.94
CA HIS A 392 -11.53 31.50 16.17
C HIS A 392 -12.24 30.74 17.27
N PHE A 393 -11.46 30.26 18.24
CA PHE A 393 -12.03 29.47 19.32
C PHE A 393 -13.03 30.28 20.13
N SER A 394 -14.06 29.61 20.62
CA SER A 394 -15.10 30.31 21.38
C SER A 394 -14.55 30.80 22.71
N LYS A 395 -15.23 31.79 23.28
CA LYS A 395 -14.83 32.38 24.55
C LYS A 395 -15.57 31.78 25.73
N GLU A 396 -16.90 31.79 25.71
CA GLU A 396 -17.70 31.16 26.76
C GLU A 396 -17.90 29.67 26.52
N ALA A 397 -16.95 29.02 25.87
CA ALA A 397 -16.95 27.58 25.70
C ALA A 397 -15.53 27.10 25.45
N ARG A 398 -14.69 27.17 26.49
CA ARG A 398 -13.31 26.75 26.35
C ARG A 398 -13.25 25.26 25.97
N SER A 399 -12.31 24.93 25.09
CA SER A 399 -12.21 23.57 24.58
C SER A 399 -11.41 22.72 25.56
N LYS A 400 -12.04 21.66 26.06
CA LYS A 400 -11.45 20.83 27.09
C LYS A 400 -11.11 19.45 26.55
N PHE A 401 -10.15 18.79 27.20
CA PHE A 401 -9.69 17.48 26.80
C PHE A 401 -9.72 16.54 27.98
N VAL A 402 -9.76 15.24 27.69
CA VAL A 402 -9.65 14.20 28.70
C VAL A 402 -8.74 13.11 28.13
N VAL A 403 -7.99 12.46 29.02
CA VAL A 403 -6.94 11.54 28.62
C VAL A 403 -7.20 10.17 29.23
N ASP A 404 -7.16 9.13 28.39
CA ASP A 404 -7.26 7.75 28.82
C ASP A 404 -6.12 6.95 28.19
N VAL A 405 -5.68 5.91 28.90
CA VAL A 405 -4.60 5.04 28.43
C VAL A 405 -5.15 3.62 28.30
N GLU A 406 -4.96 3.01 27.12
CA GLU A 406 -5.72 1.80 26.77
C GLU A 406 -5.52 0.68 27.77
N PRO A 407 -4.30 0.20 28.07
CA PRO A 407 -4.10 -0.49 29.34
C PRO A 407 -3.93 0.56 30.42
N GLU A 408 -4.89 0.62 31.34
CA GLU A 408 -4.83 1.62 32.39
C GLU A 408 -3.50 1.50 33.14
N ASN A 409 -2.96 2.64 33.56
CA ASN A 409 -1.68 2.78 34.26
C ASN A 409 -0.47 2.49 33.39
N ALA A 410 -0.65 2.15 32.10
CA ALA A 410 0.52 1.83 31.30
C ALA A 410 1.37 3.06 31.05
N VAL A 411 0.75 4.25 31.04
CA VAL A 411 1.45 5.51 30.90
C VAL A 411 0.83 6.48 31.90
N ALA A 412 1.66 7.19 32.65
CA ALA A 412 1.22 8.28 33.50
C ALA A 412 1.30 9.56 32.67
N ILE A 413 0.16 10.24 32.50
CA ILE A 413 0.06 11.45 31.69
C ILE A 413 -0.45 12.54 32.62
N ASP A 414 0.44 13.46 32.98
CA ASP A 414 0.20 14.33 34.14
C ASP A 414 -1.07 15.17 34.13
N PRO A 415 -1.36 15.98 33.13
CA PRO A 415 -2.72 16.52 33.07
C PRO A 415 -3.66 15.53 32.42
N THR A 416 -4.45 14.81 33.22
CA THR A 416 -5.37 13.84 32.64
C THR A 416 -6.61 14.49 32.04
N GLU A 417 -6.84 15.77 32.33
CA GLU A 417 -7.90 16.54 31.68
C GLU A 417 -7.60 18.01 31.92
N GLY A 418 -8.19 18.86 31.09
CA GLY A 418 -7.98 20.28 31.23
C GLY A 418 -8.56 21.02 30.04
N THR A 419 -8.27 22.32 30.01
CA THR A 419 -8.71 23.19 28.93
C THR A 419 -7.56 23.48 27.98
N LEU A 420 -7.90 23.68 26.71
CA LEU A 420 -6.92 24.13 25.73
C LEU A 420 -6.65 25.62 25.88
N SER A 421 -5.44 26.03 25.51
CA SER A 421 -5.04 27.43 25.60
C SER A 421 -5.78 28.24 24.53
N PRO A 422 -5.78 29.59 24.64
CA PRO A 422 -6.42 30.43 23.62
C PRO A 422 -6.01 30.13 22.19
N GLU A 423 -4.82 29.55 21.98
CA GLU A 423 -4.38 29.14 20.66
C GLU A 423 -4.75 27.70 20.34
N GLY A 424 -5.53 27.04 21.20
CA GLY A 424 -5.89 25.66 20.98
C GLY A 424 -4.81 24.67 21.28
N SER A 425 -3.93 24.97 22.22
CA SER A 425 -2.77 24.15 22.49
C SER A 425 -2.70 23.78 23.96
N THR A 426 -1.99 22.70 24.24
CA THR A 426 -1.72 22.28 25.61
C THR A 426 -0.52 21.35 25.60
N MET A 427 0.11 21.22 26.75
CA MET A 427 1.31 20.40 26.90
C MET A 427 1.06 19.37 28.00
N LEU A 428 1.30 18.10 27.68
CA LEU A 428 1.06 17.00 28.59
C LEU A 428 2.37 16.27 28.83
N HIS A 429 2.73 16.08 30.10
CA HIS A 429 3.91 15.29 30.43
C HIS A 429 3.53 13.82 30.56
N PHE A 430 4.38 12.94 30.06
CA PHE A 430 4.09 11.51 30.13
C PHE A 430 5.32 10.74 30.60
N ILE A 431 5.08 9.60 31.22
CA ILE A 431 6.14 8.62 31.44
C ILE A 431 5.53 7.24 31.33
N GLN A 432 6.15 6.37 30.54
CA GLN A 432 5.67 5.02 30.37
C GLN A 432 6.08 4.15 31.56
N SER A 433 5.15 3.34 32.01
CA SER A 433 5.30 2.56 33.20
C SER A 433 6.07 1.31 33.07
N SER A 434 6.23 0.84 31.86
CA SER A 434 6.98 -0.37 31.64
C SER A 434 7.54 -0.41 30.24
N THR A 435 7.90 -1.62 29.81
CA THR A 435 8.46 -1.86 28.50
C THR A 435 7.49 -2.28 27.43
N SER A 436 6.22 -2.44 27.76
CA SER A 436 5.26 -2.84 26.76
C SER A 436 4.59 -1.73 26.02
N ALA A 437 3.91 -2.11 24.96
CA ALA A 437 3.24 -1.10 24.15
C ALA A 437 1.90 -0.73 24.77
N SER A 438 1.45 0.48 24.45
CA SER A 438 0.18 0.97 24.97
C SER A 438 -0.37 2.02 24.01
N VAL A 439 -1.59 2.48 24.29
CA VAL A 439 -2.22 3.53 23.50
C VAL A 439 -2.80 4.57 24.45
N GLY A 440 -2.52 5.84 24.18
CA GLY A 440 -3.14 6.94 24.89
C GLY A 440 -4.19 7.59 24.00
N LYS A 441 -5.35 7.87 24.58
CA LYS A 441 -6.44 8.54 23.86
C LYS A 441 -6.70 9.89 24.50
N ILE A 442 -6.51 10.95 23.72
CA ILE A 442 -6.79 12.32 24.12
C ILE A 442 -8.06 12.76 23.41
N SER A 443 -9.17 12.81 24.14
CA SER A 443 -10.46 13.16 23.58
C SER A 443 -10.71 14.65 23.82
N CYS A 444 -10.96 15.40 22.76
CA CYS A 444 -11.07 16.85 22.82
C CYS A 444 -12.46 17.29 22.38
N LYS A 445 -13.05 18.21 23.13
CA LYS A 445 -14.32 18.86 22.80
C LYS A 445 -13.96 20.31 22.46
N VAL A 446 -13.86 20.63 21.17
CA VAL A 446 -13.43 21.95 20.73
C VAL A 446 -14.63 22.76 20.25
N TYR A 447 -14.74 23.99 20.74
CA TYR A 447 -15.79 24.92 20.37
C TYR A 447 -15.18 26.12 19.67
N TYR A 448 -15.54 26.32 18.41
CA TYR A 448 -15.02 27.40 17.58
C TYR A 448 -16.19 28.09 16.89
N CYS A 449 -15.91 29.25 16.27
CA CYS A 449 -16.95 29.99 15.58
C CYS A 449 -16.34 31.01 14.63
N GLN A 458 -16.42 20.73 17.50
CA GLN A 458 -16.19 19.40 16.96
C GLN A 458 -15.61 18.46 18.00
N SER A 459 -15.58 17.17 17.67
CA SER A 459 -15.05 16.16 18.58
C SER A 459 -13.89 15.45 17.88
N VAL A 460 -12.68 15.57 18.45
CA VAL A 460 -11.49 14.96 17.89
C VAL A 460 -10.83 14.11 18.97
N GLN A 461 -10.43 12.93 18.60
CA GLN A 461 -9.73 12.05 19.51
C GLN A 461 -8.38 11.67 18.95
N PHE A 462 -7.32 12.05 19.63
CA PHE A 462 -5.97 11.63 19.26
C PHE A 462 -5.68 10.28 19.87
N GLU A 463 -5.22 9.33 19.04
CA GLU A 463 -4.82 8.01 19.50
C GLU A 463 -3.31 7.93 19.40
N VAL A 464 -2.63 7.88 20.55
CA VAL A 464 -1.18 7.98 20.65
C VAL A 464 -0.63 6.60 21.03
N PRO A 465 0.09 5.93 20.14
CA PRO A 465 0.79 4.71 20.53
C PRO A 465 2.03 5.04 21.33
N PHE A 466 2.28 4.22 22.36
CA PHE A 466 3.43 4.36 23.23
C PHE A 466 4.21 3.05 23.27
N LYS A 467 5.52 3.12 23.12
CA LYS A 467 6.39 1.99 23.35
C LYS A 467 7.79 2.52 23.66
N VAL A 468 8.47 1.88 24.60
CA VAL A 468 9.79 2.33 25.03
C VAL A 468 10.85 1.75 24.12
N GLU A 469 11.64 2.63 23.51
CA GLU A 469 12.83 2.23 22.75
C GLU A 469 14.01 3.13 23.00
N SER A 470 13.85 4.23 23.72
CA SER A 470 14.95 5.11 24.10
C SER A 470 14.69 5.66 25.50
N GLU A 471 15.77 5.96 26.21
CA GLU A 471 15.67 6.55 27.54
C GLU A 471 15.79 8.07 27.51
N LEU A 472 16.06 8.66 26.34
CA LEU A 472 16.08 10.10 26.21
C LEU A 472 14.66 10.64 26.10
N SER A 473 14.44 11.84 26.62
CA SER A 473 13.11 12.43 26.58
C SER A 473 12.78 12.92 25.17
N ALA A 474 11.53 12.73 24.76
CA ALA A 474 11.03 13.20 23.48
C ALA A 474 9.94 14.25 23.69
N SER A 475 9.64 14.96 22.62
CA SER A 475 8.65 16.03 22.69
C SER A 475 7.90 16.12 21.38
N PRO A 476 7.15 15.09 21.01
CA PRO A 476 6.43 15.13 19.73
C PRO A 476 5.36 16.21 19.71
N THR A 477 5.04 16.64 18.50
CA THR A 477 3.92 17.53 18.23
C THR A 477 2.75 16.72 17.71
N ILE A 478 1.57 16.96 18.27
CA ILE A 478 0.33 16.31 17.87
C ILE A 478 -0.57 17.39 17.31
N THR A 479 -0.99 17.24 16.05
CA THR A 479 -1.70 18.29 15.35
C THR A 479 -3.01 17.78 14.75
N PHE A 480 -3.93 18.70 14.60
CA PHE A 480 -5.22 18.49 13.94
C PHE A 480 -5.76 19.83 13.53
N THR A 481 -6.29 19.93 12.34
CA THR A 481 -6.87 21.17 11.85
C THR A 481 -8.39 20.96 11.71
C ACT B . 7.75 10.70 -27.87
O ACT B . 7.66 11.39 -28.92
OXT ACT B . 6.86 10.02 -27.28
CH3 ACT B . 9.13 10.71 -27.16
C ACT C . -26.69 -1.51 -14.12
O ACT C . -26.65 -0.26 -14.28
OXT ACT C . -27.61 -2.31 -14.39
CH3 ACT C . -25.43 -2.16 -13.51
S1 DTT D . -5.23 -11.45 -7.55
C1 DTT D . -4.20 -11.10 -8.99
C2 DTT D . -5.01 -10.14 -9.81
O2 DTT D . -6.30 -10.67 -10.06
C3 DTT D . -4.38 -9.70 -11.11
O3 DTT D . -3.20 -8.90 -10.93
C4 DTT D . -4.17 -11.01 -11.85
S4 DTT D . -3.43 -10.80 -13.46
NA NA E . -1.36 -4.59 -9.53
#